data_1VMA
#
_entry.id   1VMA
#
_cell.length_a   78.446
_cell.length_b   48.102
_cell.length_c   90.792
_cell.angle_alpha   90.00
_cell.angle_beta   107.94
_cell.angle_gamma   90.00
#
_symmetry.space_group_name_H-M   'P 1 21 1'
#
loop_
_entity.id
_entity.type
_entity.pdbx_description
1 polymer 'cell division protein FtsY'
2 non-polymer 'MAGNESIUM ION'
3 non-polymer 'CITRIC ACID'
4 water water
#
_entity_poly.entity_id   1
_entity_poly.type   'polypeptide(L)'
_entity_poly.pdbx_seq_one_letter_code
;MGSDKIHHHHHHMGLFDFLKKGLQKTKETFFGRVVKLLKGKKLDDETREELEELLIQADVGVETTEYILERLEEKDGDAL
ESLKEIILEILNFDTKLNVPPEPPFVIMVVGVNGTGKTTSCGKLAKMFVDEGKSVVLAAADTFRAAAIEQLKIWGERVGA
TVISHSEGADPAAVAFDAVAHALARNKDVVIIDTAGRLHTKKNLMEELRKVHRVVKKKIPDAPHETLLVIDATTGQNGLV
QAKIFKEAVNVTGIILTKLDGTAKGGITLAIARELGIPIKFIGVGEKAEDLRPFDPEAFVEVLLSE
;
_entity_poly.pdbx_strand_id   A,B
#
loop_
_chem_comp.id
_chem_comp.type
_chem_comp.name
_chem_comp.formula
CIT non-polymer 'CITRIC ACID' 'C6 H8 O7'
MG non-polymer 'MAGNESIUM ION' 'Mg 2'
#
# COMPACT_ATOMS: atom_id res chain seq x y z
CA MET A 13 12.30 -4.28 31.43
C MET A 13 11.41 -5.28 30.72
N GLY A 14 10.21 -5.45 31.19
CA GLY A 14 9.26 -6.26 30.48
C GLY A 14 8.67 -5.57 29.28
N LEU A 15 7.88 -6.33 28.53
CA LEU A 15 7.17 -5.84 27.34
C LEU A 15 6.44 -4.49 27.54
N PHE A 16 5.69 -4.31 28.64
CA PHE A 16 4.92 -3.05 28.75
C PHE A 16 5.78 -1.88 29.17
N ASP A 17 6.74 -2.16 30.04
CA ASP A 17 7.74 -1.14 30.44
C ASP A 17 8.52 -0.58 29.24
N PHE A 18 8.88 -1.47 28.33
CA PHE A 18 9.62 -1.10 27.14
C PHE A 18 8.78 -0.16 26.31
N LEU A 19 7.51 -0.51 26.13
CA LEU A 19 6.64 0.31 25.33
C LEU A 19 6.34 1.65 26.07
N LYS A 20 6.24 1.62 27.39
CA LYS A 20 6.04 2.89 28.13
C LYS A 20 7.23 3.82 27.94
N LYS A 21 8.42 3.24 27.90
CA LYS A 21 9.66 4.05 27.66
C LYS A 21 9.59 4.59 26.23
N GLY A 22 9.30 3.67 25.29
CA GLY A 22 9.12 3.98 23.86
C GLY A 22 8.18 5.14 23.62
N LEU A 23 7.05 5.15 24.32
CA LEU A 23 5.93 6.02 23.93
C LEU A 23 5.76 7.25 24.85
N GLN A 24 6.67 7.43 25.83
CA GLN A 24 6.56 8.46 26.86
C GLN A 24 6.34 9.82 26.25
N LYS A 25 7.19 10.21 25.32
CA LYS A 25 7.11 11.55 24.73
C LYS A 25 5.83 11.67 23.88
N THR A 26 5.51 10.63 23.14
CA THR A 26 4.30 10.61 22.30
C THR A 26 3.04 10.85 23.13
N LYS A 27 2.97 10.15 24.28
CA LYS A 27 1.86 10.29 25.18
C LYS A 27 1.86 11.64 25.80
N GLU A 28 3.02 12.08 26.32
CA GLU A 28 3.04 13.36 27.04
C GLU A 28 2.65 14.55 26.16
N THR A 29 3.00 14.48 24.91
CA THR A 29 2.89 15.57 23.99
C THR A 29 1.55 15.57 23.27
N PHE A 30 1.04 14.39 22.88
CA PHE A 30 -0.07 14.28 21.97
C PHE A 30 -1.14 13.27 22.41
N PHE A 31 -0.76 12.01 22.67
CA PHE A 31 -1.81 10.98 22.87
C PHE A 31 -2.57 11.09 24.24
N GLY A 32 -1.95 11.70 25.25
CA GLY A 32 -2.68 12.02 26.46
C GLY A 32 -3.84 12.92 26.16
N ARG A 33 -3.64 13.84 25.24
CA ARG A 33 -4.70 14.74 24.77
C ARG A 33 -5.81 13.97 24.05
N VAL A 34 -5.42 13.02 23.24
CA VAL A 34 -6.36 12.16 22.52
C VAL A 34 -7.22 11.37 23.51
N VAL A 35 -6.57 10.81 24.52
CA VAL A 35 -7.27 10.00 25.49
C VAL A 35 -8.27 10.86 26.27
N LYS A 36 -7.82 12.01 26.79
CA LYS A 36 -8.73 12.94 27.43
C LYS A 36 -9.90 13.41 26.56
N LEU A 37 -9.65 13.58 25.27
CA LEU A 37 -10.66 14.03 24.31
C LEU A 37 -11.76 13.04 24.05
N LEU A 38 -11.40 11.77 23.98
CA LEU A 38 -12.33 10.75 23.50
C LEU A 38 -12.87 9.85 24.57
N LYS A 39 -12.22 9.78 25.72
CA LYS A 39 -12.64 8.86 26.76
C LYS A 39 -14.07 9.16 27.22
N GLY A 40 -14.93 8.16 27.11
CA GLY A 40 -16.32 8.32 27.52
C GLY A 40 -17.08 9.29 26.64
N LYS A 41 -16.52 9.60 25.47
CA LYS A 41 -17.09 10.61 24.58
C LYS A 41 -17.67 10.01 23.30
N LYS A 42 -18.74 10.62 22.81
CA LYS A 42 -19.33 10.34 21.51
C LYS A 42 -18.77 11.36 20.52
N LEU A 43 -18.32 10.90 19.35
CA LEU A 43 -17.64 11.79 18.39
C LEU A 43 -18.56 12.77 17.70
N ASP A 44 -18.58 14.02 18.16
CA ASP A 44 -19.33 15.07 17.48
C ASP A 44 -18.42 15.94 16.60
N ASP A 45 -18.99 16.95 15.95
CA ASP A 45 -18.27 17.76 14.96
C ASP A 45 -17.06 18.45 15.59
N GLU A 46 -17.26 19.07 16.75
CA GLU A 46 -16.15 19.70 17.49
C GLU A 46 -15.01 18.71 17.84
N THR A 47 -15.38 17.53 18.37
CA THR A 47 -14.44 16.54 18.80
C THR A 47 -13.67 16.02 17.60
N ARG A 48 -14.38 15.85 16.48
CA ARG A 48 -13.74 15.38 15.23
C ARG A 48 -12.68 16.38 14.76
N GLU A 49 -13.04 17.66 14.73
CA GLU A 49 -12.10 18.65 14.22
C GLU A 49 -10.90 18.77 15.15
N GLU A 50 -11.12 18.68 16.47
CA GLU A 50 -9.99 18.73 17.43
C GLU A 50 -9.08 17.50 17.30
N LEU A 51 -9.68 16.32 17.19
CA LEU A 51 -8.91 15.06 17.03
C LEU A 51 -8.08 15.10 15.75
N GLU A 52 -8.69 15.54 14.65
CA GLU A 52 -8.00 15.62 13.36
C GLU A 52 -6.74 16.46 13.56
N GLU A 53 -6.92 17.62 14.19
CA GLU A 53 -5.78 18.49 14.37
C GLU A 53 -4.70 17.81 15.20
N LEU A 54 -5.08 17.12 16.26
CA LEU A 54 -4.14 16.42 17.14
C LEU A 54 -3.36 15.31 16.39
N LEU A 55 -4.11 14.51 15.67
CA LEU A 55 -3.46 13.40 14.97
C LEU A 55 -2.51 13.90 13.91
N ILE A 56 -2.91 14.96 13.21
CA ILE A 56 -1.99 15.56 12.22
C ILE A 56 -0.73 16.08 12.90
N GLN A 57 -0.90 16.74 14.03
CA GLN A 57 0.28 17.26 14.75
C GLN A 57 1.18 16.14 15.21
N ALA A 58 0.60 14.97 15.52
CA ALA A 58 1.29 13.79 15.99
C ALA A 58 1.91 12.91 14.93
N ASP A 59 1.87 13.34 13.64
CA ASP A 59 2.57 12.67 12.52
C ASP A 59 1.82 11.40 12.09
N VAL A 60 0.54 11.35 12.40
CA VAL A 60 -0.24 10.23 11.92
C VAL A 60 -0.46 10.33 10.41
N GLY A 61 -0.39 11.58 9.93
CA GLY A 61 -0.35 11.79 8.48
C GLY A 61 -1.78 11.98 7.91
N VAL A 62 -1.84 12.52 6.70
CA VAL A 62 -3.14 12.92 6.12
C VAL A 62 -4.04 11.70 5.81
N GLU A 63 -3.50 10.71 5.13
CA GLU A 63 -4.32 9.59 4.77
C GLU A 63 -4.85 8.86 6.02
N THR A 64 -3.93 8.54 6.94
CA THR A 64 -4.36 7.67 8.07
C THR A 64 -5.23 8.44 9.06
N THR A 65 -4.98 9.75 9.19
CA THR A 65 -5.86 10.53 10.07
C THR A 65 -7.29 10.42 9.51
N GLU A 66 -7.43 10.65 8.22
CA GLU A 66 -8.77 10.64 7.63
C GLU A 66 -9.39 9.26 7.75
N TYR A 67 -8.63 8.21 7.50
CA TYR A 67 -9.19 6.85 7.64
C TYR A 67 -9.73 6.66 9.07
N ILE A 68 -8.93 7.06 10.05
CA ILE A 68 -9.35 6.88 11.44
C ILE A 68 -10.69 7.63 11.67
N LEU A 69 -10.77 8.85 11.21
CA LEU A 69 -11.97 9.65 11.45
C LEU A 69 -13.15 8.97 10.76
N GLU A 70 -12.96 8.51 9.54
CA GLU A 70 -14.04 7.85 8.81
C GLU A 70 -14.57 6.62 9.59
N ARG A 71 -13.64 5.86 10.15
CA ARG A 71 -13.99 4.65 10.94
C ARG A 71 -14.66 4.99 12.25
N LEU A 72 -14.18 6.02 12.95
CA LEU A 72 -14.84 6.52 14.18
C LEU A 72 -16.28 6.92 13.94
N GLU A 73 -16.53 7.58 12.82
CA GLU A 73 -17.85 8.01 12.47
C GLU A 73 -18.82 6.83 12.27
N GLU A 74 -18.31 5.60 12.23
CA GLU A 74 -19.15 4.41 12.00
C GLU A 74 -19.79 3.86 13.29
N LYS A 75 -19.46 4.45 14.44
CA LYS A 75 -19.87 3.92 15.75
C LYS A 75 -20.42 5.05 16.62
N ASP A 76 -21.30 4.71 17.56
CA ASP A 76 -21.91 5.70 18.48
C ASP A 76 -21.69 5.35 19.96
N GLY A 77 -20.67 4.55 20.24
CA GLY A 77 -20.24 4.27 21.62
C GLY A 77 -18.97 5.07 22.00
N ASP A 78 -18.26 4.56 22.99
CA ASP A 78 -17.11 5.23 23.63
C ASP A 78 -16.06 5.38 22.53
N ALA A 79 -15.83 6.63 22.14
CA ALA A 79 -14.93 6.91 21.04
C ALA A 79 -13.48 6.43 21.27
N LEU A 80 -13.03 6.42 22.53
CA LEU A 80 -11.65 6.01 22.81
C LEU A 80 -11.58 4.52 22.61
N GLU A 81 -12.61 3.80 23.04
CA GLU A 81 -12.60 2.34 22.84
C GLU A 81 -12.69 2.01 21.36
N SER A 82 -13.45 2.81 20.59
CA SER A 82 -13.51 2.60 19.14
C SER A 82 -12.16 2.87 18.50
N LEU A 83 -11.52 3.95 18.92
CA LEU A 83 -10.20 4.28 18.42
C LEU A 83 -9.20 3.11 18.62
N LYS A 84 -9.24 2.48 19.80
CA LYS A 84 -8.34 1.39 20.12
C LYS A 84 -8.54 0.30 19.10
N GLU A 85 -9.80 -0.04 18.85
CA GLU A 85 -10.15 -1.09 17.84
C GLU A 85 -9.56 -0.73 16.45
N ILE A 86 -9.75 0.52 16.05
CA ILE A 86 -9.31 0.98 14.72
C ILE A 86 -7.82 0.90 14.58
N ILE A 87 -7.10 1.37 15.59
CA ILE A 87 -5.65 1.39 15.47
C ILE A 87 -5.12 -0.07 15.46
N LEU A 88 -5.72 -0.92 16.26
CA LEU A 88 -5.33 -2.31 16.27
C LEU A 88 -5.52 -2.90 14.88
N GLU A 89 -6.61 -2.54 14.19
CA GLU A 89 -6.83 -3.01 12.81
C GLU A 89 -5.71 -2.53 11.87
N ILE A 90 -5.35 -1.25 11.97
CA ILE A 90 -4.27 -0.63 11.13
C ILE A 90 -2.97 -1.38 11.35
N LEU A 91 -2.73 -1.77 12.60
CA LEU A 91 -1.53 -2.52 12.97
C LEU A 91 -1.74 -4.03 12.96
N ASN A 92 -2.74 -4.53 12.23
CA ASN A 92 -3.09 -5.95 12.41
C ASN A 92 -2.43 -6.82 11.35
N PHE A 93 -1.09 -6.80 11.31
CA PHE A 93 -0.33 -7.56 10.28
C PHE A 93 0.46 -8.68 10.96
N ASP A 94 0.99 -9.57 10.15
CA ASP A 94 1.86 -10.65 10.60
C ASP A 94 3.26 -10.07 10.82
N THR A 95 3.73 -10.10 12.07
CA THR A 95 5.03 -9.54 12.46
C THR A 95 6.16 -10.58 12.45
N LYS A 96 5.85 -11.83 12.11
CA LYS A 96 6.83 -12.89 12.25
C LYS A 96 7.84 -12.77 11.13
N LEU A 97 9.05 -13.27 11.42
CA LEU A 97 10.12 -13.37 10.42
C LEU A 97 9.86 -14.60 9.53
N ASN A 98 10.22 -14.45 8.25
CA ASN A 98 10.02 -15.45 7.21
C ASN A 98 11.21 -16.45 7.25
N VAL A 99 11.34 -17.25 8.28
CA VAL A 99 12.48 -18.18 8.36
C VAL A 99 12.29 -19.35 7.38
N PRO A 100 13.28 -19.70 6.55
CA PRO A 100 13.14 -20.76 5.58
C PRO A 100 13.28 -22.12 6.27
N PRO A 101 12.82 -23.21 5.66
CA PRO A 101 12.97 -24.55 6.28
C PRO A 101 14.41 -25.01 6.51
N GLU A 102 15.33 -24.60 5.65
CA GLU A 102 16.74 -24.96 5.79
C GLU A 102 17.59 -23.70 5.92
N PRO A 103 18.54 -23.67 6.85
CA PRO A 103 19.47 -22.55 6.91
C PRO A 103 20.38 -22.48 5.67
N PRO A 104 20.97 -21.31 5.43
CA PRO A 104 20.77 -20.13 6.26
C PRO A 104 19.57 -19.25 5.90
N PHE A 105 19.07 -18.60 6.94
CA PHE A 105 18.13 -17.52 6.91
C PHE A 105 18.88 -16.23 6.66
N VAL A 106 18.61 -15.63 5.49
CA VAL A 106 19.30 -14.44 5.03
C VAL A 106 18.35 -13.22 5.18
N ILE A 107 18.79 -12.22 5.96
CA ILE A 107 18.11 -10.95 6.17
C ILE A 107 18.93 -9.84 5.57
N MET A 108 18.36 -9.03 4.69
CA MET A 108 19.04 -7.87 4.16
C MET A 108 18.43 -6.66 4.84
N VAL A 109 19.30 -5.85 5.43
CA VAL A 109 18.85 -4.65 6.18
C VAL A 109 19.16 -3.44 5.34
N VAL A 110 18.14 -2.63 5.06
CA VAL A 110 18.27 -1.46 4.22
C VAL A 110 17.73 -0.20 4.94
N GLY A 111 18.09 0.96 4.40
CA GLY A 111 17.65 2.23 4.93
C GLY A 111 18.72 3.29 4.84
N VAL A 112 18.33 4.52 5.12
CA VAL A 112 19.34 5.60 5.05
C VAL A 112 20.34 5.53 6.20
N ASN A 113 21.52 6.07 5.93
CA ASN A 113 22.53 6.19 6.96
C ASN A 113 22.00 7.08 8.08
N GLY A 114 22.43 6.81 9.31
CA GLY A 114 22.04 7.63 10.46
C GLY A 114 20.75 7.25 11.18
N THR A 115 20.05 6.22 10.69
CA THR A 115 18.81 5.73 11.25
C THR A 115 18.93 4.60 12.28
N GLY A 116 20.17 4.17 12.55
CA GLY A 116 20.44 2.98 13.37
C GLY A 116 20.44 1.65 12.60
N LYS A 117 20.91 1.63 11.36
CA LYS A 117 21.01 0.33 10.64
C LYS A 117 22.03 -0.60 11.24
N THR A 118 23.23 -0.08 11.42
CA THR A 118 24.31 -0.89 11.94
C THR A 118 24.03 -1.44 13.34
N THR A 119 23.56 -0.55 14.20
CA THR A 119 23.09 -0.91 15.52
C THR A 119 22.02 -1.97 15.41
N SER A 120 21.10 -1.81 14.49
CA SER A 120 20.01 -2.80 14.40
C SER A 120 20.50 -4.19 13.96
N CYS A 121 21.43 -4.22 13.00
CA CYS A 121 22.16 -5.44 12.62
C CYS A 121 22.72 -6.10 13.86
N GLY A 122 23.46 -5.34 14.67
CA GLY A 122 24.09 -5.88 15.88
C GLY A 122 23.06 -6.44 16.86
N LYS A 123 22.03 -5.64 17.13
CA LYS A 123 20.94 -6.02 18.06
C LYS A 123 20.19 -7.25 17.54
N LEU A 124 19.90 -7.34 16.26
CA LEU A 124 19.28 -8.59 15.71
C LEU A 124 20.21 -9.80 15.92
N ALA A 125 21.49 -9.60 15.66
CA ALA A 125 22.43 -10.69 15.78
C ALA A 125 22.38 -11.18 17.24
N LYS A 126 22.36 -10.25 18.17
CA LYS A 126 22.25 -10.62 19.59
C LYS A 126 21.02 -11.46 19.81
N MET A 127 19.92 -10.98 19.27
CA MET A 127 18.64 -11.65 19.44
C MET A 127 18.75 -13.09 18.98
N PHE A 128 19.39 -13.34 17.85
CA PHE A 128 19.46 -14.72 17.35
C PHE A 128 20.44 -15.58 18.12
N VAL A 129 21.55 -14.99 18.56
CA VAL A 129 22.56 -15.73 19.29
C VAL A 129 22.03 -16.18 20.64
N ASP A 130 21.26 -15.32 21.26
CA ASP A 130 20.58 -15.64 22.52
C ASP A 130 19.60 -16.80 22.36
N GLU A 131 19.02 -16.93 21.18
CA GLU A 131 18.08 -18.00 20.85
C GLU A 131 18.89 -19.25 20.54
N GLY A 132 20.20 -19.05 20.41
CA GLY A 132 21.13 -20.13 20.24
C GLY A 132 21.36 -20.54 18.80
N LYS A 133 21.18 -19.60 17.88
CA LYS A 133 21.48 -19.79 16.47
C LYS A 133 22.85 -19.20 16.17
N SER A 134 23.47 -19.66 15.09
CA SER A 134 24.72 -19.09 14.60
C SER A 134 24.50 -18.02 13.54
N VAL A 135 25.24 -16.93 13.69
CA VAL A 135 25.02 -15.75 12.93
C VAL A 135 26.27 -15.26 12.21
N VAL A 136 26.04 -14.87 10.96
CA VAL A 136 27.06 -14.23 10.14
C VAL A 136 26.56 -12.84 9.81
N LEU A 137 27.35 -11.84 10.15
CA LEU A 137 27.04 -10.48 9.76
C LEU A 137 27.90 -10.10 8.57
N ALA A 138 27.30 -9.51 7.55
CA ALA A 138 27.93 -9.06 6.35
C ALA A 138 28.08 -7.54 6.32
N ALA A 139 29.34 -7.11 6.23
CA ALA A 139 29.66 -5.68 6.20
C ALA A 139 29.61 -5.10 4.79
N ALA A 140 28.40 -5.03 4.26
CA ALA A 140 28.18 -4.57 2.88
C ALA A 140 27.91 -3.10 2.70
N ASP A 141 28.08 -2.32 3.77
CA ASP A 141 28.16 -0.88 3.68
C ASP A 141 29.67 -0.57 3.46
N THR A 142 30.15 -0.84 2.24
CA THR A 142 31.57 -1.06 1.96
C THR A 142 32.44 0.18 1.91
N PHE A 143 31.80 1.33 1.72
CA PHE A 143 32.52 2.56 1.48
C PHE A 143 32.60 3.42 2.74
N ARG A 144 32.02 2.94 3.84
CA ARG A 144 32.13 3.60 5.14
C ARG A 144 32.98 2.81 6.15
N ALA A 145 34.26 3.17 6.24
CA ALA A 145 35.16 2.52 7.19
C ALA A 145 34.60 2.49 8.61
N ALA A 146 33.96 3.58 9.02
CA ALA A 146 33.37 3.67 10.36
C ALA A 146 32.30 2.59 10.61
N ALA A 147 31.45 2.34 9.62
CA ALA A 147 30.35 1.40 9.77
C ALA A 147 30.83 -0.04 9.73
N ILE A 148 31.74 -0.30 8.80
CA ILE A 148 32.46 -1.58 8.80
C ILE A 148 33.04 -1.88 10.17
N GLU A 149 33.74 -0.90 10.74
CA GLU A 149 34.31 -1.06 12.06
C GLU A 149 33.23 -1.20 13.13
N GLN A 150 32.13 -0.45 13.01
CA GLN A 150 31.05 -0.60 13.99
C GLN A 150 30.47 -2.04 13.92
N LEU A 151 30.39 -2.61 12.72
CA LEU A 151 29.81 -3.96 12.58
C LEU A 151 30.75 -5.01 13.16
N LYS A 152 32.05 -4.79 13.01
CA LYS A 152 33.04 -5.65 13.66
C LYS A 152 32.88 -5.60 15.21
N ILE A 153 32.76 -4.40 15.77
CA ILE A 153 32.47 -4.21 17.21
C ILE A 153 31.24 -4.98 17.68
N TRP A 154 30.20 -5.00 16.88
CA TRP A 154 29.04 -5.78 17.28
C TRP A 154 29.26 -7.26 17.17
N GLY A 155 30.02 -7.70 16.17
CA GLY A 155 30.18 -9.14 15.91
C GLY A 155 30.90 -9.88 17.01
N GLU A 156 31.97 -9.24 17.50
CA GLU A 156 32.78 -9.79 18.60
C GLU A 156 32.06 -9.74 19.95
N ARG A 157 31.26 -8.68 20.10
CA ARG A 157 30.55 -8.32 21.32
C ARG A 157 29.27 -9.11 21.56
N VAL A 158 28.67 -9.60 20.46
CA VAL A 158 27.47 -10.38 20.56
C VAL A 158 27.63 -11.85 20.25
N GLY A 159 28.79 -12.21 19.70
CA GLY A 159 29.14 -13.59 19.41
C GLY A 159 28.77 -13.99 17.99
N ALA A 160 29.14 -13.16 17.01
CA ALA A 160 28.78 -13.42 15.61
C ALA A 160 29.99 -13.22 14.68
N THR A 161 30.18 -14.13 13.72
CA THR A 161 31.11 -13.92 12.61
C THR A 161 30.77 -12.68 11.79
N VAL A 162 31.81 -12.01 11.26
CA VAL A 162 31.62 -10.88 10.37
C VAL A 162 32.41 -11.13 9.11
N ILE A 163 31.72 -11.04 7.97
CA ILE A 163 32.35 -11.04 6.69
C ILE A 163 32.53 -9.60 6.23
N SER A 164 33.76 -9.31 5.84
CA SER A 164 34.05 -7.95 5.43
C SER A 164 35.25 -7.95 4.56
N HIS A 165 35.28 -6.97 3.67
CA HIS A 165 36.48 -6.72 2.89
C HIS A 165 37.05 -5.35 3.30
N SER A 166 38.30 -5.07 2.94
CA SER A 166 38.84 -3.75 3.23
C SER A 166 37.89 -2.73 2.61
N GLU A 167 37.86 -1.55 3.22
CA GLU A 167 37.07 -0.44 2.71
C GLU A 167 37.19 -0.30 1.17
N GLY A 168 36.05 0.01 0.55
CA GLY A 168 35.96 0.17 -0.88
C GLY A 168 35.66 -1.10 -1.66
N ALA A 169 35.37 -2.19 -0.98
CA ALA A 169 34.95 -3.39 -1.71
C ALA A 169 33.55 -3.28 -2.36
N ASP A 170 33.29 -4.22 -3.24
CA ASP A 170 32.04 -4.35 -3.92
C ASP A 170 31.07 -4.96 -2.90
N PRO A 171 29.99 -4.29 -2.55
CA PRO A 171 29.09 -4.85 -1.53
C PRO A 171 28.43 -6.16 -1.90
N ALA A 172 28.13 -6.33 -3.18
CA ALA A 172 27.55 -7.59 -3.66
C ALA A 172 28.54 -8.71 -3.51
N ALA A 173 29.84 -8.44 -3.73
CA ALA A 173 30.88 -9.44 -3.43
C ALA A 173 30.92 -9.81 -1.95
N VAL A 174 30.80 -8.80 -1.09
CA VAL A 174 30.75 -9.06 0.34
C VAL A 174 29.49 -9.86 0.70
N ALA A 175 28.34 -9.49 0.13
CA ALA A 175 27.07 -10.17 0.43
C ALA A 175 27.16 -11.60 -0.09
N PHE A 176 27.65 -11.76 -1.32
CA PHE A 176 27.82 -13.09 -1.90
C PHE A 176 28.69 -13.94 -0.98
N ASP A 177 29.83 -13.39 -0.58
CA ASP A 177 30.80 -14.10 0.27
C ASP A 177 30.22 -14.52 1.58
N ALA A 178 29.45 -13.61 2.22
CA ALA A 178 28.87 -13.92 3.50
C ALA A 178 27.91 -15.08 3.39
N VAL A 179 27.16 -15.15 2.32
CA VAL A 179 26.12 -16.17 2.19
C VAL A 179 26.83 -17.50 1.86
N ALA A 180 27.78 -17.42 0.93
CA ALA A 180 28.52 -18.61 0.55
C ALA A 180 29.14 -19.24 1.80
N HIS A 181 29.74 -18.40 2.65
CA HIS A 181 30.41 -18.82 3.91
C HIS A 181 29.46 -19.48 4.88
N ALA A 182 28.33 -18.82 5.13
CA ALA A 182 27.25 -19.35 5.97
C ALA A 182 26.80 -20.72 5.50
N LEU A 183 26.67 -20.84 4.18
CA LEU A 183 26.17 -22.00 3.49
C LEU A 183 27.19 -23.14 3.56
N ALA A 184 28.47 -22.84 3.31
CA ALA A 184 29.54 -23.89 3.32
C ALA A 184 29.81 -24.45 4.73
N ARG A 185 29.47 -23.65 5.73
CA ARG A 185 29.72 -24.00 7.13
C ARG A 185 28.39 -24.17 7.90
N ASN A 186 27.28 -24.31 7.16
CA ASN A 186 26.00 -24.68 7.76
C ASN A 186 25.54 -23.69 8.85
N LYS A 187 25.84 -22.41 8.64
CA LYS A 187 25.52 -21.35 9.61
C LYS A 187 24.03 -21.02 9.55
N ASP A 188 23.45 -20.51 10.64
CA ASP A 188 21.99 -20.39 10.77
C ASP A 188 21.39 -19.14 10.19
N VAL A 189 22.06 -18.00 10.44
CA VAL A 189 21.56 -16.70 9.97
C VAL A 189 22.68 -15.88 9.31
N VAL A 190 22.28 -15.14 8.26
CA VAL A 190 23.11 -14.11 7.66
C VAL A 190 22.30 -12.77 7.70
N ILE A 191 22.92 -11.77 8.30
CA ILE A 191 22.41 -10.43 8.34
C ILE A 191 23.31 -9.57 7.50
N ILE A 192 22.78 -8.95 6.44
CA ILE A 192 23.56 -8.11 5.54
C ILE A 192 23.27 -6.60 5.83
N ASP A 193 24.26 -5.90 6.33
CA ASP A 193 24.18 -4.42 6.45
C ASP A 193 24.51 -3.82 5.07
N THR A 194 23.66 -2.94 4.58
CA THR A 194 23.86 -2.30 3.29
C THR A 194 24.04 -0.80 3.38
N ALA A 195 24.48 -0.23 2.27
CA ALA A 195 24.78 1.19 2.20
C ALA A 195 23.52 1.99 2.23
N GLY A 196 23.57 3.21 2.77
CA GLY A 196 22.39 4.10 2.73
C GLY A 196 22.82 5.54 2.45
N ARG A 197 23.85 5.70 1.61
CA ARG A 197 24.20 7.06 1.13
C ARG A 197 23.05 7.66 0.31
N LEU A 198 22.70 8.92 0.56
CA LEU A 198 21.43 9.48 0.05
C LEU A 198 21.53 10.36 -1.21
N HIS A 199 22.71 10.89 -1.52
CA HIS A 199 22.83 11.90 -2.59
C HIS A 199 22.79 11.31 -4.01
N THR A 200 22.38 10.05 -4.14
CA THR A 200 22.54 9.30 -5.38
C THR A 200 21.44 8.25 -5.53
N LYS A 201 20.26 8.63 -6.04
CA LYS A 201 19.10 7.72 -6.06
C LYS A 201 19.30 6.49 -6.94
N LYS A 202 19.68 6.73 -8.19
CA LYS A 202 19.75 5.65 -9.17
C LYS A 202 20.85 4.66 -8.77
N ASN A 203 21.99 5.19 -8.32
CA ASN A 203 23.13 4.36 -7.94
C ASN A 203 22.83 3.47 -6.72
N LEU A 204 22.16 4.02 -5.71
CA LEU A 204 21.84 3.23 -4.52
C LEU A 204 20.82 2.17 -4.90
N MET A 205 19.83 2.54 -5.70
CA MET A 205 18.83 1.59 -6.19
C MET A 205 19.50 0.40 -6.88
N GLU A 206 20.43 0.69 -7.78
CA GLU A 206 21.13 -0.34 -8.51
C GLU A 206 22.00 -1.22 -7.60
N GLU A 207 22.66 -0.60 -6.61
CA GLU A 207 23.54 -1.30 -5.64
C GLU A 207 22.70 -2.29 -4.82
N LEU A 208 21.58 -1.77 -4.30
CA LEU A 208 20.73 -2.61 -3.44
C LEU A 208 20.15 -3.74 -4.26
N ARG A 209 19.70 -3.45 -5.47
CA ARG A 209 19.18 -4.51 -6.32
C ARG A 209 20.22 -5.57 -6.63
N LYS A 210 21.47 -5.13 -6.78
CA LYS A 210 22.59 -6.04 -7.06
C LYS A 210 22.80 -6.99 -5.88
N VAL A 211 22.82 -6.43 -4.66
CA VAL A 211 23.05 -7.25 -3.46
C VAL A 211 21.92 -8.29 -3.33
N HIS A 212 20.70 -7.85 -3.58
CA HIS A 212 19.47 -8.68 -3.47
C HIS A 212 19.55 -9.85 -4.48
N ARG A 213 20.02 -9.56 -5.69
CA ARG A 213 20.11 -10.51 -6.80
C ARG A 213 21.24 -11.46 -6.59
N VAL A 214 22.41 -10.97 -6.16
CA VAL A 214 23.61 -11.80 -6.08
C VAL A 214 23.53 -12.94 -5.06
N VAL A 215 22.78 -12.73 -3.98
CA VAL A 215 22.68 -13.80 -3.00
C VAL A 215 21.90 -15.01 -3.56
N LYS A 216 21.13 -14.81 -4.62
CA LYS A 216 20.41 -15.91 -5.29
C LYS A 216 21.34 -16.81 -6.14
N LYS A 217 22.52 -16.31 -6.46
CA LYS A 217 23.57 -17.21 -6.95
C LYS A 217 23.69 -18.40 -5.98
N LYS A 218 23.62 -18.12 -4.66
CA LYS A 218 23.81 -19.20 -3.67
C LYS A 218 22.50 -19.76 -3.18
N ILE A 219 21.52 -18.88 -2.93
CA ILE A 219 20.27 -19.33 -2.33
C ILE A 219 19.05 -18.62 -2.98
N PRO A 220 18.36 -19.29 -3.90
CA PRO A 220 17.25 -18.69 -4.68
C PRO A 220 16.18 -17.87 -3.91
N ASP A 221 15.70 -18.34 -2.75
CA ASP A 221 14.74 -17.60 -1.91
C ASP A 221 15.37 -16.48 -1.03
N ALA A 222 16.68 -16.26 -1.13
CA ALA A 222 17.33 -15.24 -0.24
C ALA A 222 17.32 -13.89 -0.97
N PRO A 223 17.30 -12.74 -0.28
CA PRO A 223 16.99 -12.60 1.16
C PRO A 223 15.60 -13.04 1.47
N HIS A 224 15.51 -13.84 2.51
CA HIS A 224 14.22 -14.29 2.97
C HIS A 224 13.44 -13.16 3.61
N GLU A 225 14.16 -12.18 4.16
CA GLU A 225 13.54 -10.98 4.76
C GLU A 225 14.39 -9.81 4.33
N THR A 226 13.73 -8.74 3.87
CA THR A 226 14.42 -7.48 3.63
C THR A 226 13.77 -6.47 4.59
N LEU A 227 14.51 -6.04 5.61
CA LEU A 227 14.00 -5.16 6.65
C LEU A 227 14.51 -3.75 6.43
N LEU A 228 13.57 -2.82 6.37
CA LEU A 228 13.85 -1.41 6.19
C LEU A 228 13.86 -0.76 7.56
N VAL A 229 14.97 -0.13 7.92
CA VAL A 229 15.06 0.67 9.10
C VAL A 229 14.44 2.06 8.82
N ILE A 230 13.50 2.46 9.66
CA ILE A 230 12.95 3.84 9.66
C ILE A 230 13.22 4.37 11.05
N ASP A 231 13.84 5.54 11.10
CA ASP A 231 14.09 6.26 12.35
C ASP A 231 12.84 7.10 12.70
N ALA A 232 12.16 6.75 13.81
CA ALA A 232 10.94 7.45 14.18
C ALA A 232 11.17 8.95 14.32
N THR A 233 12.36 9.35 14.73
CA THR A 233 12.61 10.79 14.98
C THR A 233 12.65 11.61 13.69
N THR A 234 12.67 10.93 12.55
CA THR A 234 12.66 11.62 11.25
C THR A 234 11.24 11.92 10.73
N GLY A 235 10.24 11.36 11.38
CA GLY A 235 8.85 11.79 11.12
C GLY A 235 8.51 11.54 9.65
N GLN A 236 7.78 12.49 9.06
CA GLN A 236 7.31 12.35 7.69
C GLN A 236 8.44 12.17 6.69
N ASN A 237 9.57 12.82 6.96
CA ASN A 237 10.67 12.78 6.00
C ASN A 237 11.13 11.36 5.91
N GLY A 238 11.20 10.66 7.03
CA GLY A 238 11.62 9.30 7.00
C GLY A 238 10.68 8.43 6.21
N LEU A 239 9.40 8.78 6.23
CA LEU A 239 8.38 8.05 5.51
C LEU A 239 8.55 8.32 4.00
N VAL A 240 8.79 9.58 3.62
CA VAL A 240 9.13 9.88 2.24
C VAL A 240 10.34 9.06 1.77
N GLN A 241 11.40 9.01 2.56
CA GLN A 241 12.54 8.18 2.20
C GLN A 241 12.20 6.70 2.03
N ALA A 242 11.41 6.17 2.95
CA ALA A 242 11.03 4.80 2.90
C ALA A 242 10.44 4.36 1.57
N LYS A 243 9.62 5.25 0.93
CA LYS A 243 9.04 4.90 -0.37
C LYS A 243 10.13 4.63 -1.43
N ILE A 244 11.28 5.29 -1.27
CA ILE A 244 12.41 5.09 -2.16
C ILE A 244 12.95 3.60 -2.07
N PHE A 245 12.99 3.08 -0.84
CA PHE A 245 13.57 1.75 -0.60
C PHE A 245 12.55 0.69 -1.07
N LYS A 246 11.26 1.01 -0.93
CA LYS A 246 10.16 0.19 -1.55
C LYS A 246 10.24 0.02 -3.06
N GLU A 247 10.66 1.07 -3.76
CA GLU A 247 10.97 0.99 -5.19
C GLU A 247 12.21 0.17 -5.52
N ALA A 248 13.23 0.22 -4.65
CA ALA A 248 14.49 -0.40 -4.90
C ALA A 248 14.36 -1.92 -4.84
N VAL A 249 13.80 -2.40 -3.72
CA VAL A 249 13.72 -3.86 -3.50
C VAL A 249 12.39 -4.18 -2.81
N ASN A 250 12.09 -5.48 -2.80
CA ASN A 250 10.91 -5.95 -2.08
C ASN A 250 11.17 -5.97 -0.58
N VAL A 251 10.73 -4.91 0.08
CA VAL A 251 10.81 -4.80 1.52
C VAL A 251 9.68 -5.59 2.14
N THR A 252 10.06 -6.42 3.08
CA THR A 252 9.11 -7.37 3.70
C THR A 252 8.78 -7.03 5.13
N GLY A 253 9.52 -6.11 5.82
CA GLY A 253 9.17 -5.66 7.17
C GLY A 253 9.97 -4.43 7.57
N ILE A 254 9.45 -3.70 8.54
CA ILE A 254 10.08 -2.51 9.06
C ILE A 254 10.69 -2.73 10.44
N ILE A 255 11.86 -2.10 10.69
CA ILE A 255 12.46 -1.92 12.03
C ILE A 255 12.31 -0.44 12.31
N LEU A 256 11.45 -0.10 13.28
CA LEU A 256 11.17 1.31 13.60
C LEU A 256 12.03 1.64 14.80
N THR A 257 13.12 2.41 14.59
CA THR A 257 14.05 2.74 15.63
C THR A 257 13.76 4.09 16.33
N LYS A 258 14.37 4.26 17.51
CA LYS A 258 14.42 5.54 18.21
C LYS A 258 13.04 6.08 18.58
N LEU A 259 12.11 5.17 18.83
CA LEU A 259 10.78 5.54 19.23
C LEU A 259 10.76 6.49 20.43
N ASP A 260 11.61 6.20 21.42
CA ASP A 260 11.59 7.02 22.65
C ASP A 260 12.14 8.42 22.44
N GLY A 261 12.76 8.66 21.29
CA GLY A 261 13.59 9.87 21.10
C GLY A 261 12.78 11.10 20.75
N THR A 262 11.54 10.87 20.35
CA THR A 262 10.63 11.81 19.73
C THR A 262 9.24 11.69 20.31
N ALA A 263 8.42 12.74 20.22
CA ALA A 263 7.00 12.59 20.40
C ALA A 263 6.27 12.12 19.17
N LYS A 264 7.00 11.72 18.14
CA LYS A 264 6.40 11.37 16.83
C LYS A 264 5.99 9.96 16.72
N GLY A 265 5.67 9.31 17.82
CA GLY A 265 5.33 7.86 17.71
C GLY A 265 4.08 7.54 16.90
N GLY A 266 3.24 8.55 16.70
CA GLY A 266 2.15 8.41 15.75
C GLY A 266 2.55 8.04 14.33
N ILE A 267 3.78 8.33 13.97
CA ILE A 267 4.32 7.95 12.67
C ILE A 267 4.24 6.43 12.47
N THR A 268 4.16 5.65 13.52
CA THR A 268 3.95 4.23 13.40
C THR A 268 2.71 3.92 12.58
N LEU A 269 1.64 4.67 12.82
CA LEU A 269 0.39 4.46 12.09
C LEU A 269 0.51 4.82 10.62
N ALA A 270 1.14 5.96 10.35
CA ALA A 270 1.33 6.47 9.00
C ALA A 270 2.14 5.40 8.24
N ILE A 271 3.20 4.89 8.88
CA ILE A 271 4.02 3.87 8.21
C ILE A 271 3.13 2.64 7.87
N ALA A 272 2.45 2.11 8.87
CA ALA A 272 1.62 0.88 8.64
C ALA A 272 0.63 1.06 7.52
N ARG A 273 -0.12 2.15 7.58
CA ARG A 273 -1.24 2.29 6.58
C ARG A 273 -0.71 2.75 5.23
N GLU A 274 0.16 3.74 5.24
CA GLU A 274 0.65 4.23 4.00
C GLU A 274 1.49 3.28 3.20
N LEU A 275 2.32 2.46 3.86
CA LEU A 275 3.33 1.60 3.14
C LEU A 275 2.84 0.17 3.01
N GLY A 276 2.03 -0.29 3.93
CA GLY A 276 1.47 -1.62 3.79
C GLY A 276 2.43 -2.73 4.17
N ILE A 277 3.51 -2.37 4.83
CA ILE A 277 4.54 -3.40 5.14
C ILE A 277 4.47 -3.69 6.65
N PRO A 278 4.53 -4.94 7.06
CA PRO A 278 4.48 -5.22 8.51
C PRO A 278 5.60 -4.50 9.30
N ILE A 279 5.30 -3.88 10.44
CA ILE A 279 6.35 -3.44 11.39
C ILE A 279 6.74 -4.60 12.27
N LYS A 280 7.99 -5.08 12.10
CA LYS A 280 8.40 -6.29 12.76
C LYS A 280 9.21 -6.09 14.04
N PHE A 281 9.87 -4.95 14.16
CA PHE A 281 10.65 -4.66 15.33
C PHE A 281 10.52 -3.21 15.64
N ILE A 282 10.60 -2.88 16.92
CA ILE A 282 10.74 -1.50 17.34
C ILE A 282 11.93 -1.33 18.29
N GLY A 283 12.61 -0.19 18.20
CA GLY A 283 13.74 0.05 19.07
C GLY A 283 13.43 1.19 20.01
N VAL A 284 13.84 1.02 21.27
CA VAL A 284 13.68 2.06 22.26
C VAL A 284 15.04 2.18 22.92
N GLY A 285 15.62 3.35 22.92
CA GLY A 285 16.89 3.52 23.59
C GLY A 285 18.02 2.69 22.99
N GLU A 286 19.16 2.78 23.65
CA GLU A 286 20.41 2.28 23.11
C GLU A 286 20.71 0.83 23.42
N LYS A 287 20.15 0.29 24.50
CA LYS A 287 20.58 -1.05 24.98
C LYS A 287 20.36 -2.13 23.91
N ALA A 288 21.19 -3.17 23.88
CA ALA A 288 21.03 -4.22 22.85
C ALA A 288 19.65 -4.90 22.96
N GLU A 289 19.17 -4.99 24.19
CA GLU A 289 17.90 -5.61 24.53
C GLU A 289 16.73 -4.71 24.12
N ASP A 290 17.06 -3.47 23.74
CA ASP A 290 16.05 -2.50 23.43
C ASP A 290 15.54 -2.58 21.99
N LEU A 291 16.00 -3.56 21.19
CA LEU A 291 15.31 -3.91 19.92
C LEU A 291 14.44 -5.13 20.15
N ARG A 292 13.15 -4.95 19.94
CA ARG A 292 12.20 -6.01 20.25
C ARG A 292 11.15 -6.24 19.19
N PRO A 293 10.66 -7.46 19.12
CA PRO A 293 9.60 -7.74 18.25
C PRO A 293 8.38 -6.82 18.53
N PHE A 294 7.76 -6.38 17.49
CA PHE A 294 6.66 -5.46 17.61
C PHE A 294 5.37 -6.23 18.05
N ASP A 295 4.67 -5.70 19.04
CA ASP A 295 3.44 -6.29 19.61
C ASP A 295 2.32 -5.26 19.42
N PRO A 296 1.55 -5.39 18.34
CA PRO A 296 0.51 -4.40 18.06
C PRO A 296 -0.47 -4.15 19.23
N GLU A 297 -0.97 -5.21 19.84
CA GLU A 297 -1.97 -5.10 20.88
C GLU A 297 -1.35 -4.34 22.06
N ALA A 298 -0.12 -4.67 22.40
CA ALA A 298 0.50 -4.01 23.58
C ALA A 298 0.74 -2.50 23.27
N PHE A 299 1.24 -2.26 22.07
CA PHE A 299 1.46 -0.89 21.59
C PHE A 299 0.24 0.01 21.76
N VAL A 300 -0.90 -0.46 21.28
CA VAL A 300 -2.11 0.30 21.38
C VAL A 300 -2.55 0.45 22.85
N GLU A 301 -2.42 -0.62 23.62
CA GLU A 301 -2.82 -0.57 25.01
C GLU A 301 -2.06 0.57 25.74
N VAL A 302 -0.76 0.63 25.49
CA VAL A 302 0.11 1.63 26.11
C VAL A 302 -0.22 3.00 25.52
N LEU A 303 -0.28 3.11 24.21
CA LEU A 303 -0.56 4.41 23.54
C LEU A 303 -1.81 5.11 24.09
N LEU A 304 -2.82 4.33 24.35
CA LEU A 304 -4.13 4.87 24.69
C LEU A 304 -4.55 4.67 26.17
N SER A 305 -3.58 4.26 26.99
CA SER A 305 -3.69 4.21 28.43
C SER A 305 -3.88 5.59 29.03
N GLU A 306 -4.69 5.68 30.08
CA GLU A 306 -4.88 6.93 30.78
C GLU A 306 -3.65 7.25 31.62
N MET B 13 -20.80 -9.58 -26.43
CA MET B 13 -19.32 -9.83 -26.36
C MET B 13 -18.92 -10.53 -25.06
N GLY B 14 -18.39 -11.74 -25.16
CA GLY B 14 -18.05 -12.50 -23.95
C GLY B 14 -16.80 -12.00 -23.22
N LEU B 15 -16.61 -12.52 -22.01
CA LEU B 15 -15.49 -12.13 -21.16
C LEU B 15 -14.13 -12.13 -21.86
N PHE B 16 -13.77 -13.25 -22.47
CA PHE B 16 -12.49 -13.35 -23.17
C PHE B 16 -12.37 -12.39 -24.38
N ASP B 17 -13.44 -12.22 -25.14
CA ASP B 17 -13.45 -11.29 -26.29
C ASP B 17 -13.36 -9.85 -25.80
N PHE B 18 -14.13 -9.56 -24.75
CA PHE B 18 -14.04 -8.27 -24.03
C PHE B 18 -12.60 -7.94 -23.63
N LEU B 19 -11.92 -8.92 -23.04
CA LEU B 19 -10.56 -8.75 -22.58
C LEU B 19 -9.59 -8.66 -23.76
N LYS B 20 -9.79 -9.48 -24.78
CA LYS B 20 -9.04 -9.33 -26.03
C LYS B 20 -9.15 -7.93 -26.63
N LYS B 21 -10.35 -7.35 -26.70
CA LYS B 21 -10.50 -5.96 -27.17
C LYS B 21 -9.72 -5.04 -26.23
N GLY B 22 -9.81 -5.32 -24.94
CA GLY B 22 -9.17 -4.47 -23.95
C GLY B 22 -7.65 -4.46 -24.03
N LEU B 23 -7.10 -5.64 -24.30
CA LEU B 23 -5.67 -5.80 -24.22
C LEU B 23 -4.97 -5.82 -25.57
N GLN B 24 -5.72 -5.64 -26.66
CA GLN B 24 -5.14 -5.72 -28.01
C GLN B 24 -3.88 -4.87 -28.16
N LYS B 25 -3.95 -3.59 -27.82
CA LYS B 25 -2.79 -2.72 -28.02
C LYS B 25 -1.66 -3.08 -27.08
N THR B 26 -2.02 -3.42 -25.86
CA THR B 26 -1.03 -3.75 -24.85
C THR B 26 -0.21 -4.98 -25.27
N LYS B 27 -0.88 -5.94 -25.88
CA LYS B 27 -0.27 -7.15 -26.37
C LYS B 27 0.52 -6.87 -27.65
N GLU B 28 -0.08 -6.16 -28.60
CA GLU B 28 0.59 -5.78 -29.85
C GLU B 28 1.93 -5.10 -29.62
N THR B 29 1.94 -4.16 -28.68
CA THR B 29 3.08 -3.28 -28.47
C THR B 29 4.11 -3.88 -27.51
N PHE B 30 3.67 -4.55 -26.42
CA PHE B 30 4.60 -4.97 -25.38
C PHE B 30 4.57 -6.44 -25.01
N PHE B 31 3.39 -6.97 -24.72
CA PHE B 31 3.32 -8.27 -24.05
C PHE B 31 3.41 -9.42 -25.02
N GLY B 32 3.22 -9.18 -26.30
CA GLY B 32 3.62 -10.15 -27.33
C GLY B 32 5.12 -10.34 -27.25
N ARG B 33 5.88 -9.24 -27.10
CA ARG B 33 7.33 -9.36 -26.90
C ARG B 33 7.67 -10.07 -25.60
N VAL B 34 6.89 -9.82 -24.53
CA VAL B 34 7.12 -10.50 -23.23
C VAL B 34 6.92 -12.01 -23.38
N VAL B 35 5.82 -12.38 -24.04
CA VAL B 35 5.49 -13.79 -24.19
C VAL B 35 6.60 -14.46 -24.98
N LYS B 36 7.03 -13.82 -26.08
CA LYS B 36 8.08 -14.35 -26.96
C LYS B 36 9.41 -14.48 -26.23
N LEU B 37 9.72 -13.50 -25.39
CA LEU B 37 10.98 -13.48 -24.66
C LEU B 37 11.06 -14.63 -23.63
N LEU B 38 9.93 -14.92 -22.97
CA LEU B 38 9.96 -15.80 -21.81
C LEU B 38 9.59 -17.26 -22.06
N LYS B 39 8.80 -17.53 -23.11
CA LYS B 39 8.07 -18.80 -23.18
C LYS B 39 9.11 -19.86 -23.41
N GLY B 40 9.19 -20.82 -22.49
CA GLY B 40 10.13 -21.95 -22.60
C GLY B 40 11.57 -21.61 -22.27
N LYS B 41 11.77 -20.48 -21.59
CA LYS B 41 13.12 -19.99 -21.30
C LYS B 41 13.34 -19.90 -19.80
N LYS B 42 14.57 -19.54 -19.43
CA LYS B 42 14.91 -19.29 -18.04
C LYS B 42 15.37 -17.85 -17.92
N LEU B 43 15.17 -17.25 -16.76
CA LEU B 43 15.51 -15.85 -16.58
C LEU B 43 17.01 -15.66 -16.36
N ASP B 44 17.77 -15.75 -17.43
CA ASP B 44 19.18 -15.39 -17.39
C ASP B 44 19.30 -13.87 -17.38
N ASP B 45 20.53 -13.35 -17.26
CA ASP B 45 20.73 -11.92 -17.05
C ASP B 45 20.19 -11.09 -18.21
N GLU B 46 20.44 -11.60 -19.41
CA GLU B 46 20.08 -10.91 -20.64
C GLU B 46 18.58 -10.81 -20.81
N THR B 47 17.90 -11.92 -20.62
CA THR B 47 16.44 -11.95 -20.60
C THR B 47 15.88 -11.06 -19.47
N ARG B 48 16.56 -11.02 -18.33
CA ARG B 48 16.14 -10.18 -17.20
C ARG B 48 16.10 -8.69 -17.58
N GLU B 49 17.19 -8.23 -18.16
CA GLU B 49 17.35 -6.84 -18.60
C GLU B 49 16.35 -6.47 -19.69
N GLU B 50 16.15 -7.36 -20.64
CA GLU B 50 15.14 -7.16 -21.68
C GLU B 50 13.74 -7.09 -21.08
N LEU B 51 13.44 -8.00 -20.16
CA LEU B 51 12.15 -8.05 -19.51
C LEU B 51 11.86 -6.76 -18.75
N GLU B 52 12.87 -6.30 -18.02
CA GLU B 52 12.81 -5.07 -17.23
C GLU B 52 12.43 -3.85 -18.05
N GLU B 53 13.13 -3.65 -19.16
CA GLU B 53 12.82 -2.51 -20.01
C GLU B 53 11.42 -2.63 -20.63
N LEU B 54 10.99 -3.85 -21.00
CA LEU B 54 9.63 -4.06 -21.51
C LEU B 54 8.60 -3.64 -20.50
N LEU B 55 8.71 -4.15 -19.29
CA LEU B 55 7.69 -3.87 -18.28
C LEU B 55 7.62 -2.37 -17.91
N ILE B 56 8.78 -1.73 -17.79
CA ILE B 56 8.87 -0.28 -17.53
C ILE B 56 8.21 0.51 -18.69
N GLN B 57 8.52 0.12 -19.92
CA GLN B 57 7.95 0.84 -21.06
C GLN B 57 6.46 0.58 -21.06
N ALA B 58 6.08 -0.61 -20.56
CA ALA B 58 4.68 -1.03 -20.53
C ALA B 58 3.90 -0.45 -19.34
N ASP B 59 4.53 0.43 -18.58
CA ASP B 59 3.86 1.14 -17.45
C ASP B 59 3.56 0.30 -16.21
N VAL B 60 4.26 -0.80 -16.10
CA VAL B 60 4.12 -1.63 -14.90
C VAL B 60 4.80 -0.88 -13.74
N GLY B 61 5.72 0.01 -14.05
CA GLY B 61 6.27 0.91 -12.98
C GLY B 61 7.45 0.30 -12.26
N VAL B 62 8.18 1.18 -11.58
CA VAL B 62 9.46 0.83 -11.01
C VAL B 62 9.39 -0.24 -9.94
N GLU B 63 8.53 -0.01 -8.96
CA GLU B 63 8.40 -0.93 -7.83
C GLU B 63 7.91 -2.27 -8.30
N THR B 64 6.79 -2.31 -9.03
CA THR B 64 6.23 -3.59 -9.47
C THR B 64 7.10 -4.37 -10.46
N THR B 65 7.83 -3.70 -11.37
CA THR B 65 8.74 -4.43 -12.24
C THR B 65 9.85 -5.14 -11.46
N GLU B 66 10.45 -4.44 -10.52
CA GLU B 66 11.46 -5.07 -9.68
C GLU B 66 10.91 -6.27 -8.90
N TYR B 67 9.70 -6.11 -8.37
CA TYR B 67 9.09 -7.16 -7.59
C TYR B 67 8.95 -8.38 -8.45
N ILE B 68 8.51 -8.19 -9.70
CA ILE B 68 8.33 -9.31 -10.62
C ILE B 68 9.61 -9.99 -10.96
N LEU B 69 10.65 -9.21 -11.24
CA LEU B 69 11.97 -9.75 -11.45
C LEU B 69 12.53 -10.53 -10.25
N GLU B 70 12.27 -10.00 -9.05
CA GLU B 70 12.71 -10.69 -7.83
C GLU B 70 11.96 -11.99 -7.72
N ARG B 71 10.63 -11.95 -7.83
CA ARG B 71 9.83 -13.20 -7.78
C ARG B 71 10.21 -14.16 -8.88
N LEU B 72 10.44 -13.68 -10.11
CA LEU B 72 10.84 -14.58 -11.22
C LEU B 72 12.17 -15.26 -10.98
N GLU B 73 13.07 -14.54 -10.31
CA GLU B 73 14.41 -15.05 -10.01
C GLU B 73 14.43 -16.23 -9.02
N GLU B 74 13.34 -16.47 -8.29
CA GLU B 74 13.29 -17.54 -7.30
C GLU B 74 12.84 -18.87 -7.88
N LYS B 75 12.40 -18.87 -9.14
CA LYS B 75 11.93 -20.10 -9.81
C LYS B 75 12.87 -20.47 -10.96
N ASP B 76 12.84 -21.74 -11.37
CA ASP B 76 13.71 -22.18 -12.45
C ASP B 76 13.03 -23.05 -13.53
N GLY B 77 11.69 -23.04 -13.55
CA GLY B 77 10.94 -23.59 -14.67
C GLY B 77 10.68 -22.54 -15.75
N ASP B 78 9.69 -22.82 -16.59
CA ASP B 78 9.31 -21.89 -17.67
C ASP B 78 9.06 -20.53 -17.10
N ALA B 79 9.86 -19.53 -17.52
CA ALA B 79 9.70 -18.18 -17.00
C ALA B 79 8.33 -17.60 -17.31
N LEU B 80 7.77 -17.94 -18.47
CA LEU B 80 6.47 -17.42 -18.82
C LEU B 80 5.37 -17.95 -17.89
N GLU B 81 5.41 -19.24 -17.55
CA GLU B 81 4.41 -19.79 -16.63
C GLU B 81 4.57 -19.14 -15.25
N SER B 82 5.82 -18.93 -14.83
CA SER B 82 6.10 -18.24 -13.57
C SER B 82 5.52 -16.82 -13.59
N LEU B 83 5.79 -16.08 -14.65
CA LEU B 83 5.21 -14.71 -14.75
C LEU B 83 3.69 -14.73 -14.57
N LYS B 84 3.00 -15.68 -15.23
CA LYS B 84 1.54 -15.84 -15.06
C LYS B 84 1.17 -15.91 -13.58
N GLU B 85 1.87 -16.79 -12.89
CA GLU B 85 1.64 -17.04 -11.46
C GLU B 85 1.90 -15.77 -10.63
N ILE B 86 3.01 -15.09 -10.92
CA ILE B 86 3.43 -13.87 -10.22
C ILE B 86 2.41 -12.76 -10.47
N ILE B 87 2.08 -12.54 -11.73
CA ILE B 87 1.13 -11.51 -12.07
C ILE B 87 -0.23 -11.83 -11.42
N LEU B 88 -0.60 -13.09 -11.40
CA LEU B 88 -1.88 -13.46 -10.81
C LEU B 88 -1.89 -13.13 -9.34
N GLU B 89 -0.79 -13.40 -8.65
CA GLU B 89 -0.70 -13.05 -7.23
C GLU B 89 -0.86 -11.57 -7.05
N ILE B 90 -0.26 -10.79 -7.94
CA ILE B 90 -0.34 -9.31 -7.79
C ILE B 90 -1.79 -8.87 -7.83
N LEU B 91 -2.58 -9.50 -8.69
CA LEU B 91 -3.92 -9.06 -9.02
C LEU B 91 -5.04 -9.83 -8.32
N ASN B 92 -4.71 -10.81 -7.48
CA ASN B 92 -5.75 -11.61 -6.81
C ASN B 92 -6.08 -11.06 -5.44
N PHE B 93 -6.89 -10.02 -5.49
CA PHE B 93 -7.42 -9.35 -4.30
C PHE B 93 -8.88 -9.74 -4.29
N ASP B 94 -9.57 -9.37 -3.22
CA ASP B 94 -11.00 -9.61 -3.17
C ASP B 94 -11.59 -8.53 -4.08
N THR B 95 -12.17 -9.00 -5.17
CA THR B 95 -12.74 -8.11 -6.16
C THR B 95 -14.21 -7.81 -5.90
N LYS B 96 -14.78 -8.43 -4.87
CA LYS B 96 -16.21 -8.32 -4.70
C LYS B 96 -16.53 -7.03 -4.00
N LEU B 97 -17.74 -6.58 -4.26
CA LEU B 97 -18.26 -5.40 -3.64
C LEU B 97 -18.65 -5.74 -2.21
N ASN B 98 -18.67 -4.69 -1.38
CA ASN B 98 -18.93 -4.78 0.04
C ASN B 98 -20.39 -4.53 0.26
N VAL B 99 -21.24 -5.39 -0.26
CA VAL B 99 -22.67 -5.20 -0.11
C VAL B 99 -23.04 -5.43 1.37
N PRO B 100 -23.79 -4.50 1.97
CA PRO B 100 -24.27 -4.64 3.35
C PRO B 100 -25.45 -5.62 3.44
N PRO B 101 -25.65 -6.23 4.59
CA PRO B 101 -26.80 -7.13 4.83
C PRO B 101 -28.15 -6.48 4.51
N GLU B 102 -28.36 -5.23 4.92
CA GLU B 102 -29.60 -4.52 4.66
C GLU B 102 -29.34 -3.32 3.77
N PRO B 103 -30.28 -3.04 2.86
CA PRO B 103 -30.11 -1.92 1.94
C PRO B 103 -30.46 -0.55 2.54
N PRO B 104 -30.06 0.55 1.91
CA PRO B 104 -29.32 0.56 0.64
C PRO B 104 -27.80 0.39 0.73
N PHE B 105 -27.25 -0.17 -0.35
CA PHE B 105 -25.82 -0.27 -0.63
C PHE B 105 -25.44 1.07 -1.26
N VAL B 106 -24.53 1.78 -0.63
CA VAL B 106 -24.18 3.12 -1.06
C VAL B 106 -22.78 3.09 -1.58
N ILE B 107 -22.65 3.52 -2.83
CA ILE B 107 -21.36 3.56 -3.52
C ILE B 107 -21.06 5.02 -3.84
N MET B 108 -19.86 5.45 -3.44
CA MET B 108 -19.39 6.78 -3.75
C MET B 108 -18.34 6.66 -4.85
N VAL B 109 -18.53 7.35 -5.98
CA VAL B 109 -17.62 7.20 -7.09
C VAL B 109 -16.83 8.50 -7.21
N VAL B 110 -15.50 8.37 -7.20
CA VAL B 110 -14.62 9.52 -7.16
C VAL B 110 -13.64 9.39 -8.28
N GLY B 111 -13.01 10.50 -8.59
CA GLY B 111 -12.00 10.52 -9.65
C GLY B 111 -11.93 11.87 -10.32
N VAL B 112 -10.97 11.99 -11.23
CA VAL B 112 -10.77 13.20 -12.00
C VAL B 112 -11.82 13.31 -13.09
N ASN B 113 -12.27 14.52 -13.36
CA ASN B 113 -13.14 14.74 -14.52
C ASN B 113 -12.39 14.25 -15.80
N GLY B 114 -13.11 13.61 -16.73
CA GLY B 114 -12.52 13.19 -18.00
C GLY B 114 -12.10 11.74 -18.07
N THR B 115 -12.35 10.98 -17.00
CA THR B 115 -11.84 9.62 -16.90
C THR B 115 -12.91 8.55 -17.14
N GLY B 116 -14.14 9.01 -17.40
CA GLY B 116 -15.30 8.14 -17.54
C GLY B 116 -16.11 7.97 -16.28
N LYS B 117 -16.08 8.93 -15.34
CA LYS B 117 -16.90 8.87 -14.11
C LYS B 117 -18.43 8.87 -14.29
N THR B 118 -19.01 9.78 -15.06
CA THR B 118 -20.47 9.82 -15.08
C THR B 118 -20.96 8.56 -15.78
N THR B 119 -20.27 8.21 -16.86
CA THR B 119 -20.68 7.05 -17.62
C THR B 119 -20.54 5.81 -16.74
N SER B 120 -19.45 5.73 -15.98
CA SER B 120 -19.25 4.61 -15.07
C SER B 120 -20.43 4.51 -14.11
N CYS B 121 -20.91 5.64 -13.60
CA CYS B 121 -22.06 5.61 -12.69
C CYS B 121 -23.28 5.02 -13.38
N GLY B 122 -23.55 5.45 -14.61
CA GLY B 122 -24.69 4.93 -15.37
C GLY B 122 -24.52 3.45 -15.67
N LYS B 123 -23.33 3.05 -16.06
CA LYS B 123 -23.07 1.64 -16.36
C LYS B 123 -23.16 0.77 -15.09
N LEU B 124 -22.68 1.28 -13.94
CA LEU B 124 -22.88 0.54 -12.70
C LEU B 124 -24.39 0.42 -12.38
N ALA B 125 -25.12 1.51 -12.57
CA ALA B 125 -26.54 1.45 -12.33
C ALA B 125 -27.17 0.38 -13.23
N LYS B 126 -26.72 0.29 -14.48
CA LYS B 126 -27.39 -0.65 -15.40
C LYS B 126 -27.11 -2.08 -14.94
N MET B 127 -25.91 -2.28 -14.41
CA MET B 127 -25.55 -3.58 -13.87
C MET B 127 -26.52 -4.00 -12.76
N PHE B 128 -26.75 -3.11 -11.79
CA PHE B 128 -27.65 -3.41 -10.65
C PHE B 128 -29.12 -3.56 -11.03
N VAL B 129 -29.59 -2.67 -11.91
CA VAL B 129 -30.93 -2.80 -12.47
C VAL B 129 -31.09 -4.14 -13.19
N ASP B 130 -30.06 -4.57 -13.93
CA ASP B 130 -30.16 -5.85 -14.65
C ASP B 130 -30.21 -7.02 -13.69
N GLU B 131 -29.56 -6.86 -12.53
CA GLU B 131 -29.61 -7.84 -11.45
C GLU B 131 -30.91 -7.85 -10.60
N GLY B 132 -31.85 -6.95 -10.88
CA GLY B 132 -33.11 -6.90 -10.16
C GLY B 132 -33.20 -5.88 -9.05
N LYS B 133 -32.17 -5.03 -8.95
CA LYS B 133 -32.08 -4.07 -7.85
C LYS B 133 -32.57 -2.69 -8.29
N SER B 134 -33.30 -2.02 -7.40
CA SER B 134 -33.62 -0.61 -7.58
C SER B 134 -32.36 0.22 -7.32
N VAL B 135 -32.25 1.36 -7.99
CA VAL B 135 -31.04 2.18 -7.91
C VAL B 135 -31.45 3.66 -7.83
N VAL B 136 -30.67 4.40 -7.07
CA VAL B 136 -30.78 5.84 -6.98
C VAL B 136 -29.43 6.42 -7.33
N LEU B 137 -29.40 7.30 -8.33
CA LEU B 137 -28.23 8.05 -8.67
C LEU B 137 -28.25 9.41 -7.97
N ALA B 138 -27.09 9.80 -7.43
CA ALA B 138 -26.96 11.13 -6.84
C ALA B 138 -26.05 12.01 -7.68
N ALA B 139 -26.58 13.20 -8.03
CA ALA B 139 -25.90 14.16 -8.89
C ALA B 139 -25.11 15.12 -8.00
N ALA B 140 -24.06 14.59 -7.38
CA ALA B 140 -23.29 15.36 -6.43
C ALA B 140 -22.07 16.04 -7.03
N ASP B 141 -21.98 16.01 -8.35
CA ASP B 141 -21.05 16.85 -9.11
C ASP B 141 -21.88 18.11 -9.44
N THR B 142 -22.06 18.93 -8.41
CA THR B 142 -23.17 19.92 -8.41
C THR B 142 -22.84 21.21 -9.14
N PHE B 143 -21.57 21.43 -9.48
CA PHE B 143 -21.18 22.68 -10.14
C PHE B 143 -21.03 22.57 -11.66
N ARG B 144 -21.40 21.41 -12.21
CA ARG B 144 -21.29 21.18 -13.63
C ARG B 144 -22.66 20.81 -14.14
N ALA B 145 -23.31 21.77 -14.79
CA ALA B 145 -24.64 21.53 -15.34
C ALA B 145 -24.72 20.33 -16.28
N ALA B 146 -23.66 20.15 -17.10
CA ALA B 146 -23.65 19.13 -18.13
C ALA B 146 -23.61 17.75 -17.51
N ALA B 147 -22.77 17.61 -16.51
CA ALA B 147 -22.61 16.33 -15.80
C ALA B 147 -23.94 15.92 -15.15
N ILE B 148 -24.62 16.89 -14.52
CA ILE B 148 -25.95 16.68 -13.91
C ILE B 148 -26.95 16.21 -14.99
N GLU B 149 -26.93 16.82 -16.17
CA GLU B 149 -27.81 16.37 -17.24
C GLU B 149 -27.40 14.99 -17.77
N GLN B 150 -26.10 14.74 -17.92
CA GLN B 150 -25.67 13.42 -18.35
C GLN B 150 -26.24 12.37 -17.35
N LEU B 151 -25.98 12.57 -16.06
CA LEU B 151 -26.51 11.67 -15.01
C LEU B 151 -28.01 11.45 -15.16
N LYS B 152 -28.75 12.55 -15.27
CA LYS B 152 -30.21 12.49 -15.56
C LYS B 152 -30.59 11.51 -16.68
N ILE B 153 -29.85 11.57 -17.80
CA ILE B 153 -30.12 10.74 -18.97
C ILE B 153 -29.94 9.28 -18.62
N TRP B 154 -28.83 8.99 -17.97
CA TRP B 154 -28.48 7.61 -17.62
C TRP B 154 -29.56 6.94 -16.81
N GLY B 155 -30.15 7.65 -15.85
CA GLY B 155 -31.17 7.05 -15.02
C GLY B 155 -32.43 6.69 -15.82
N GLU B 156 -32.67 7.45 -16.87
CA GLU B 156 -33.82 7.20 -17.75
C GLU B 156 -33.56 5.97 -18.61
N ARG B 157 -32.37 5.95 -19.19
CA ARG B 157 -31.88 4.87 -20.02
C ARG B 157 -32.00 3.52 -19.32
N VAL B 158 -31.59 3.49 -18.04
CA VAL B 158 -31.48 2.26 -17.27
C VAL B 158 -32.59 2.04 -16.24
N GLY B 159 -33.44 3.04 -16.00
CA GLY B 159 -34.50 2.94 -15.00
C GLY B 159 -34.06 3.19 -13.56
N ALA B 160 -33.02 3.99 -13.37
CA ALA B 160 -32.65 4.45 -12.03
C ALA B 160 -33.28 5.82 -11.74
N THR B 161 -33.66 6.04 -10.48
CA THR B 161 -34.03 7.36 -10.00
C THR B 161 -32.79 8.26 -9.92
N VAL B 162 -32.94 9.51 -10.34
CA VAL B 162 -31.81 10.45 -10.26
C VAL B 162 -32.15 11.65 -9.37
N ILE B 163 -31.43 11.80 -8.26
CA ILE B 163 -31.68 12.87 -7.32
C ILE B 163 -30.73 13.99 -7.64
N SER B 164 -31.27 15.16 -7.94
CA SER B 164 -30.43 16.27 -8.33
C SER B 164 -31.09 17.60 -8.02
N HIS B 165 -30.25 18.64 -7.97
CA HIS B 165 -30.69 20.02 -7.86
C HIS B 165 -30.16 20.80 -9.07
N SER B 166 -30.52 22.06 -9.17
CA SER B 166 -29.97 22.91 -10.22
C SER B 166 -28.53 23.24 -9.90
N GLU B 167 -27.77 23.61 -10.92
CA GLU B 167 -26.37 23.88 -10.74
C GLU B 167 -26.14 24.79 -9.55
N GLY B 168 -25.15 24.41 -8.75
CA GLY B 168 -24.65 25.21 -7.66
C GLY B 168 -25.00 24.70 -6.28
N ALA B 169 -25.71 23.57 -6.21
CA ALA B 169 -26.18 23.04 -4.93
C ALA B 169 -25.01 22.49 -4.07
N ASP B 170 -25.29 22.19 -2.81
CA ASP B 170 -24.27 21.64 -1.89
C ASP B 170 -24.09 20.13 -2.17
N PRO B 171 -22.91 19.69 -2.59
CA PRO B 171 -22.68 18.25 -2.93
C PRO B 171 -23.09 17.36 -1.78
N ALA B 172 -22.79 17.79 -0.57
CA ALA B 172 -23.09 16.97 0.59
C ALA B 172 -24.62 16.92 0.82
N ALA B 173 -25.33 18.03 0.63
CA ALA B 173 -26.80 17.99 0.73
C ALA B 173 -27.43 17.01 -0.31
N VAL B 174 -26.92 17.00 -1.53
CA VAL B 174 -27.45 16.14 -2.59
C VAL B 174 -27.19 14.67 -2.29
N ALA B 175 -25.97 14.38 -1.86
CA ALA B 175 -25.60 13.01 -1.42
C ALA B 175 -26.57 12.57 -0.30
N PHE B 176 -26.67 13.41 0.73
CA PHE B 176 -27.53 13.15 1.89
C PHE B 176 -28.99 12.93 1.47
N ASP B 177 -29.54 13.84 0.65
CA ASP B 177 -30.88 13.64 0.10
C ASP B 177 -31.04 12.30 -0.62
N ALA B 178 -30.03 11.88 -1.38
CA ALA B 178 -30.18 10.66 -2.20
C ALA B 178 -30.21 9.42 -1.30
N VAL B 179 -29.36 9.43 -0.29
CA VAL B 179 -29.29 8.36 0.69
C VAL B 179 -30.57 8.34 1.55
N ALA B 180 -31.03 9.53 1.96
CA ALA B 180 -32.24 9.62 2.77
C ALA B 180 -33.42 9.16 1.93
N HIS B 181 -33.36 9.42 0.62
CA HIS B 181 -34.44 9.04 -0.29
C HIS B 181 -34.55 7.53 -0.43
N ALA B 182 -33.39 6.91 -0.58
CA ALA B 182 -33.31 5.47 -0.77
C ALA B 182 -33.65 4.74 0.53
N LEU B 183 -33.32 5.36 1.66
CA LEU B 183 -33.61 4.77 2.97
C LEU B 183 -35.14 4.86 3.18
N ALA B 184 -35.69 6.03 2.90
CA ALA B 184 -37.13 6.25 3.07
C ALA B 184 -38.00 5.53 2.03
N ARG B 185 -37.41 5.03 0.94
CA ARG B 185 -38.20 4.31 -0.07
C ARG B 185 -37.72 2.86 -0.24
N ASN B 186 -36.82 2.42 0.64
CA ASN B 186 -36.37 1.04 0.63
C ASN B 186 -35.73 0.61 -0.73
N LYS B 187 -35.01 1.53 -1.37
CA LYS B 187 -34.30 1.27 -2.62
C LYS B 187 -32.99 0.52 -2.36
N ASP B 188 -32.53 -0.27 -3.33
CA ASP B 188 -31.41 -1.22 -3.07
C ASP B 188 -30.00 -0.66 -3.08
N VAL B 189 -29.74 0.29 -3.98
CA VAL B 189 -28.38 0.84 -4.26
C VAL B 189 -28.45 2.33 -4.44
N VAL B 190 -27.47 3.03 -3.87
CA VAL B 190 -27.21 4.44 -4.18
C VAL B 190 -25.81 4.54 -4.83
N ILE B 191 -25.74 5.23 -5.97
CA ILE B 191 -24.50 5.55 -6.62
C ILE B 191 -24.30 7.06 -6.65
N ILE B 192 -23.25 7.56 -6.01
CA ILE B 192 -23.08 9.01 -5.87
C ILE B 192 -21.92 9.40 -6.80
N ASP B 193 -22.24 10.17 -7.83
CA ASP B 193 -21.31 10.78 -8.72
C ASP B 193 -20.78 12.01 -8.00
N THR B 194 -19.49 12.23 -8.00
CA THR B 194 -18.95 13.37 -7.29
C THR B 194 -18.10 14.25 -8.19
N ALA B 195 -17.72 15.40 -7.66
CA ALA B 195 -16.93 16.41 -8.41
C ALA B 195 -15.47 15.94 -8.59
N GLY B 196 -14.84 16.27 -9.71
CA GLY B 196 -13.46 15.86 -9.96
C GLY B 196 -12.67 17.00 -10.59
N ARG B 197 -12.97 18.22 -10.17
CA ARG B 197 -12.22 19.43 -10.61
C ARG B 197 -10.76 19.44 -10.15
N LEU B 198 -9.87 19.90 -11.03
CA LEU B 198 -8.42 19.72 -10.85
C LEU B 198 -7.67 20.83 -10.11
N HIS B 199 -8.11 22.08 -10.28
CA HIS B 199 -7.30 23.24 -9.86
C HIS B 199 -7.40 23.60 -8.39
N THR B 200 -7.85 22.68 -7.54
CA THR B 200 -8.17 22.99 -6.14
C THR B 200 -8.02 21.74 -5.22
N LYS B 201 -6.78 21.36 -4.91
CA LYS B 201 -6.51 20.19 -4.08
C LYS B 201 -7.27 20.21 -2.74
N LYS B 202 -7.04 21.27 -1.96
CA LYS B 202 -7.54 21.35 -0.58
C LYS B 202 -9.08 21.32 -0.54
N ASN B 203 -9.74 22.17 -1.33
CA ASN B 203 -11.17 22.21 -1.27
C ASN B 203 -11.87 20.99 -1.94
N LEU B 204 -11.28 20.36 -2.95
CA LEU B 204 -11.88 19.11 -3.47
C LEU B 204 -11.75 18.03 -2.41
N MET B 205 -10.58 17.93 -1.79
CA MET B 205 -10.43 16.93 -0.71
C MET B 205 -11.44 17.18 0.42
N GLU B 206 -11.59 18.43 0.84
CA GLU B 206 -12.61 18.78 1.85
C GLU B 206 -14.02 18.42 1.39
N GLU B 207 -14.32 18.62 0.11
CA GLU B 207 -15.67 18.37 -0.40
C GLU B 207 -16.00 16.89 -0.35
N LEU B 208 -15.05 16.10 -0.80
CA LEU B 208 -15.27 14.66 -0.82
C LEU B 208 -15.34 14.10 0.61
N ARG B 209 -14.50 14.61 1.51
CA ARG B 209 -14.64 14.18 2.92
C ARG B 209 -16.00 14.50 3.51
N LYS B 210 -16.46 15.70 3.23
CA LYS B 210 -17.81 16.09 3.64
C LYS B 210 -18.92 15.17 3.05
N VAL B 211 -18.87 14.88 1.77
CA VAL B 211 -19.79 13.91 1.15
C VAL B 211 -19.74 12.57 1.87
N HIS B 212 -18.54 12.09 2.08
CA HIS B 212 -18.31 10.77 2.68
C HIS B 212 -18.84 10.75 4.13
N ARG B 213 -18.75 11.87 4.83
CA ARG B 213 -19.20 12.02 6.21
C ARG B 213 -20.71 12.23 6.34
N VAL B 214 -21.29 13.09 5.49
CA VAL B 214 -22.72 13.43 5.68
C VAL B 214 -23.62 12.21 5.49
N VAL B 215 -23.26 11.26 4.62
CA VAL B 215 -24.15 10.10 4.39
C VAL B 215 -24.32 9.27 5.69
N LYS B 216 -23.30 9.34 6.54
CA LYS B 216 -23.28 8.58 7.78
C LYS B 216 -24.31 8.99 8.81
N LYS B 217 -24.86 10.18 8.65
CA LYS B 217 -25.92 10.65 9.51
C LYS B 217 -27.18 9.78 9.34
N LYS B 218 -27.27 9.10 8.19
CA LYS B 218 -28.42 8.26 7.88
C LYS B 218 -28.07 6.79 7.89
N ILE B 219 -26.88 6.47 7.35
CA ILE B 219 -26.38 5.11 7.29
C ILE B 219 -24.89 5.17 7.73
N PRO B 220 -24.62 4.85 9.00
CA PRO B 220 -23.25 4.88 9.55
C PRO B 220 -22.18 4.25 8.71
N ASP B 221 -22.48 3.10 8.12
CA ASP B 221 -21.52 2.33 7.35
C ASP B 221 -21.39 2.79 5.89
N ALA B 222 -22.18 3.77 5.50
CA ALA B 222 -22.09 4.27 4.13
C ALA B 222 -20.97 5.32 4.02
N PRO B 223 -20.36 5.52 2.85
CA PRO B 223 -20.47 4.67 1.69
C PRO B 223 -19.84 3.33 1.99
N HIS B 224 -20.51 2.28 1.55
CA HIS B 224 -19.97 0.95 1.70
C HIS B 224 -18.76 0.61 0.80
N GLU B 225 -18.75 1.25 -0.37
CA GLU B 225 -17.63 1.16 -1.32
C GLU B 225 -17.40 2.58 -1.75
N THR B 226 -16.14 2.93 -1.85
CA THR B 226 -15.75 4.14 -2.52
C THR B 226 -14.90 3.73 -3.68
N LEU B 227 -15.43 3.93 -4.90
CA LEU B 227 -14.78 3.45 -6.12
C LEU B 227 -14.11 4.61 -6.82
N LEU B 228 -12.81 4.47 -7.09
CA LEU B 228 -12.01 5.45 -7.84
C LEU B 228 -11.83 5.04 -9.30
N VAL B 229 -12.18 5.97 -10.15
CA VAL B 229 -12.16 5.86 -11.59
C VAL B 229 -10.78 6.31 -12.01
N ILE B 230 -10.02 5.36 -12.56
CA ILE B 230 -8.73 5.66 -13.18
C ILE B 230 -8.86 5.29 -14.62
N ASP B 231 -8.55 6.26 -15.49
CA ASP B 231 -8.51 6.11 -16.93
C ASP B 231 -7.16 5.48 -17.30
N ALA B 232 -7.20 4.27 -17.87
CA ALA B 232 -5.98 3.57 -18.22
C ALA B 232 -5.10 4.39 -19.19
N THR B 233 -5.72 5.21 -20.05
CA THR B 233 -4.97 5.92 -21.10
C THR B 233 -4.09 7.00 -20.54
N THR B 234 -4.36 7.38 -19.28
CA THR B 234 -3.52 8.34 -18.56
C THR B 234 -2.22 7.76 -17.95
N GLY B 235 -2.04 6.44 -18.03
CA GLY B 235 -0.83 5.80 -17.55
C GLY B 235 -0.35 6.30 -16.21
N GLN B 236 0.92 6.70 -16.13
CA GLN B 236 1.52 7.04 -14.86
C GLN B 236 0.90 8.24 -14.19
N ASN B 237 0.46 9.19 -14.98
CA ASN B 237 -0.14 10.39 -14.42
C ASN B 237 -1.50 10.10 -13.79
N GLY B 238 -2.24 9.18 -14.38
CA GLY B 238 -3.42 8.62 -13.69
C GLY B 238 -3.16 8.08 -12.29
N LEU B 239 -2.05 7.38 -12.12
CA LEU B 239 -1.65 6.81 -10.85
C LEU B 239 -1.23 7.90 -9.83
N VAL B 240 -0.57 8.94 -10.30
CA VAL B 240 -0.25 10.09 -9.44
C VAL B 240 -1.54 10.73 -8.91
N GLN B 241 -2.49 10.89 -9.81
CA GLN B 241 -3.74 11.47 -9.45
C GLN B 241 -4.45 10.59 -8.43
N ALA B 242 -4.42 9.28 -8.62
CA ALA B 242 -5.10 8.33 -7.75
C ALA B 242 -4.62 8.40 -6.30
N LYS B 243 -3.33 8.67 -6.14
CA LYS B 243 -2.72 8.87 -4.82
C LYS B 243 -3.33 10.05 -4.06
N ILE B 244 -3.75 11.09 -4.79
CA ILE B 244 -4.43 12.22 -4.17
C ILE B 244 -5.76 11.75 -3.56
N PHE B 245 -6.50 10.97 -4.33
CA PHE B 245 -7.81 10.52 -3.89
C PHE B 245 -7.69 9.54 -2.69
N LYS B 246 -6.66 8.71 -2.72
CA LYS B 246 -6.33 7.87 -1.59
C LYS B 246 -6.14 8.66 -0.31
N GLU B 247 -5.49 9.83 -0.39
CA GLU B 247 -5.31 10.70 0.74
C GLU B 247 -6.63 11.34 1.14
N ALA B 248 -7.53 11.56 0.17
CA ALA B 248 -8.76 12.26 0.48
C ALA B 248 -9.70 11.43 1.31
N VAL B 249 -10.02 10.23 0.83
CA VAL B 249 -11.02 9.37 1.45
C VAL B 249 -10.56 7.93 1.37
N ASN B 250 -11.22 7.07 2.14
CA ASN B 250 -10.86 5.63 2.11
C ASN B 250 -11.41 4.97 0.83
N VAL B 251 -10.59 4.94 -0.20
CA VAL B 251 -10.94 4.29 -1.47
C VAL B 251 -10.83 2.78 -1.28
N THR B 252 -11.88 2.08 -1.60
CA THR B 252 -11.94 0.62 -1.38
C THR B 252 -11.87 -0.18 -2.67
N GLY B 253 -11.98 0.47 -3.82
CA GLY B 253 -11.94 -0.28 -5.10
C GLY B 253 -11.60 0.64 -6.25
N ILE B 254 -11.09 0.07 -7.33
CA ILE B 254 -10.81 0.82 -8.56
C ILE B 254 -11.71 0.39 -9.73
N ILE B 255 -12.13 1.37 -10.52
CA ILE B 255 -12.79 1.17 -11.81
C ILE B 255 -11.76 1.64 -12.83
N LEU B 256 -11.25 0.71 -13.62
CA LEU B 256 -10.22 1.06 -14.59
C LEU B 256 -10.85 1.15 -15.97
N THR B 257 -10.88 2.35 -16.50
CA THR B 257 -11.59 2.60 -17.71
C THR B 257 -10.68 2.66 -18.91
N LYS B 258 -11.32 2.64 -20.08
CA LYS B 258 -10.65 2.88 -21.34
C LYS B 258 -9.44 2.00 -21.56
N LEU B 259 -9.52 0.77 -21.06
CA LEU B 259 -8.44 -0.20 -21.21
C LEU B 259 -7.94 -0.35 -22.66
N ASP B 260 -8.88 -0.41 -23.61
CA ASP B 260 -8.54 -0.63 -25.03
C ASP B 260 -7.98 0.59 -25.75
N GLY B 261 -8.13 1.76 -25.14
CA GLY B 261 -7.65 3.01 -25.71
C GLY B 261 -6.18 3.08 -26.09
N THR B 262 -5.32 2.45 -25.27
CA THR B 262 -3.86 2.50 -25.45
C THR B 262 -3.19 1.18 -25.07
N ALA B 263 -1.87 1.13 -25.31
CA ALA B 263 -1.03 -0.03 -25.03
C ALA B 263 -0.52 -0.10 -23.59
N LYS B 264 -1.10 0.73 -22.74
CA LYS B 264 -0.65 0.88 -21.34
C LYS B 264 -1.39 -0.03 -20.36
N GLY B 265 -1.85 -1.18 -20.87
CA GLY B 265 -2.52 -2.18 -20.04
C GLY B 265 -1.76 -2.62 -18.80
N GLY B 266 -0.42 -2.58 -18.87
CA GLY B 266 0.44 -2.91 -17.74
C GLY B 266 0.26 -1.98 -16.54
N ILE B 267 -0.36 -0.81 -16.71
CA ILE B 267 -0.62 0.05 -15.55
C ILE B 267 -1.54 -0.61 -14.51
N THR B 268 -2.29 -1.59 -14.95
CA THR B 268 -3.14 -2.40 -14.08
C THR B 268 -2.31 -2.92 -12.93
N LEU B 269 -1.10 -3.38 -13.26
CA LEU B 269 -0.24 -4.04 -12.28
C LEU B 269 0.26 -2.97 -11.32
N ALA B 270 0.54 -1.79 -11.85
CA ALA B 270 1.03 -0.65 -11.02
C ALA B 270 0.00 -0.22 -10.06
N ILE B 271 -1.21 -0.11 -10.58
CA ILE B 271 -2.31 0.28 -9.71
C ILE B 271 -2.51 -0.74 -8.59
N ALA B 272 -2.50 -2.00 -8.93
CA ALA B 272 -2.72 -3.07 -7.93
C ALA B 272 -1.66 -3.08 -6.84
N ARG B 273 -0.41 -3.01 -7.23
CA ARG B 273 0.69 -3.25 -6.29
C ARG B 273 1.08 -1.96 -5.62
N GLU B 274 1.18 -0.88 -6.38
CA GLU B 274 1.51 0.38 -5.72
C GLU B 274 0.42 0.93 -4.80
N LEU B 275 -0.88 0.83 -5.15
CA LEU B 275 -1.97 1.42 -4.31
C LEU B 275 -2.50 0.38 -3.27
N GLY B 276 -2.35 -0.90 -3.57
CA GLY B 276 -2.81 -1.93 -2.67
C GLY B 276 -4.33 -1.96 -2.51
N ILE B 277 -5.08 -1.38 -3.47
CA ILE B 277 -6.56 -1.41 -3.45
C ILE B 277 -7.08 -2.37 -4.51
N PRO B 278 -8.07 -3.19 -4.23
CA PRO B 278 -8.53 -4.13 -5.33
C PRO B 278 -9.04 -3.42 -6.55
N ILE B 279 -8.68 -3.91 -7.75
CA ILE B 279 -9.34 -3.49 -8.97
C ILE B 279 -10.66 -4.27 -9.06
N LYS B 280 -11.78 -3.57 -9.16
CA LYS B 280 -13.10 -4.21 -9.05
C LYS B 280 -13.93 -4.23 -10.36
N PHE B 281 -13.68 -3.24 -11.23
CA PHE B 281 -14.30 -3.16 -12.58
C PHE B 281 -13.27 -2.74 -13.61
N ILE B 282 -13.49 -3.18 -14.85
CA ILE B 282 -12.77 -2.72 -16.01
C ILE B 282 -13.73 -2.32 -17.09
N GLY B 283 -13.32 -1.32 -17.85
CA GLY B 283 -14.16 -0.73 -18.86
C GLY B 283 -13.44 -0.73 -20.20
N VAL B 284 -14.17 -1.03 -21.27
CA VAL B 284 -13.57 -1.17 -22.60
C VAL B 284 -14.53 -0.45 -23.54
N GLY B 285 -14.08 0.56 -24.30
CA GLY B 285 -14.99 1.26 -25.23
C GLY B 285 -16.07 2.09 -24.54
N GLU B 286 -17.20 2.33 -25.24
CA GLU B 286 -18.16 3.36 -24.80
C GLU B 286 -19.61 2.88 -24.63
N LYS B 287 -19.82 1.59 -24.43
CA LYS B 287 -21.18 1.05 -24.24
C LYS B 287 -21.59 1.00 -22.76
N ALA B 288 -22.87 0.76 -22.52
CA ALA B 288 -23.36 0.57 -21.16
C ALA B 288 -22.98 -0.84 -20.64
N GLU B 289 -23.09 -1.83 -21.52
CA GLU B 289 -22.56 -3.18 -21.24
C GLU B 289 -21.01 -3.24 -21.20
N ASP B 290 -20.38 -2.12 -21.57
CA ASP B 290 -18.89 -1.98 -21.65
C ASP B 290 -18.07 -1.98 -20.38
N LEU B 291 -18.72 -2.05 -19.22
CA LEU B 291 -18.06 -1.99 -17.92
C LEU B 291 -18.35 -3.30 -17.23
N ARG B 292 -17.31 -4.01 -16.75
CA ARG B 292 -17.46 -5.36 -16.19
C ARG B 292 -16.60 -5.67 -14.96
N PRO B 293 -17.08 -6.58 -14.10
CA PRO B 293 -16.31 -6.93 -12.94
C PRO B 293 -15.00 -7.49 -13.37
N PHE B 294 -13.97 -7.09 -12.65
CA PHE B 294 -12.63 -7.52 -12.91
C PHE B 294 -12.51 -9.03 -12.63
N ASP B 295 -11.96 -9.74 -13.60
CA ASP B 295 -11.72 -11.17 -13.51
C ASP B 295 -10.21 -11.36 -13.64
N PRO B 296 -9.48 -11.42 -12.53
CA PRO B 296 -8.02 -11.40 -12.62
C PRO B 296 -7.44 -12.59 -13.37
N GLU B 297 -8.00 -13.79 -13.17
CA GLU B 297 -7.48 -14.97 -13.84
C GLU B 297 -7.56 -14.86 -15.36
N ALA B 298 -8.68 -14.33 -15.85
CA ALA B 298 -8.92 -14.23 -17.29
C ALA B 298 -8.07 -13.14 -17.91
N PHE B 299 -8.00 -12.03 -17.21
CA PHE B 299 -7.09 -10.97 -17.58
C PHE B 299 -5.65 -11.49 -17.85
N VAL B 300 -5.11 -12.22 -16.89
CA VAL B 300 -3.75 -12.66 -17.01
C VAL B 300 -3.65 -13.68 -18.14
N GLU B 301 -4.70 -14.49 -18.31
CA GLU B 301 -4.70 -15.53 -19.33
C GLU B 301 -4.66 -14.86 -20.71
N VAL B 302 -5.45 -13.80 -20.87
CA VAL B 302 -5.43 -13.07 -22.14
C VAL B 302 -4.15 -12.28 -22.35
N LEU B 303 -3.63 -11.67 -21.29
CA LEU B 303 -2.44 -10.82 -21.38
C LEU B 303 -1.22 -11.61 -21.90
N LEU B 304 -1.06 -12.85 -21.40
CA LEU B 304 0.11 -13.67 -21.73
C LEU B 304 -0.19 -14.84 -22.66
N SER B 305 -1.32 -14.78 -23.37
CA SER B 305 -1.62 -15.78 -24.38
C SER B 305 -0.83 -15.45 -25.64
N GLU B 306 -0.56 -16.49 -26.43
CA GLU B 306 0.33 -16.41 -27.61
C GLU B 306 -0.45 -16.24 -28.91
MG MG C . 23.41 3.99 11.03
C1 CIT D . -16.43 12.40 -15.33
O1 CIT D . -15.48 12.59 -14.52
O2 CIT D . -17.57 12.89 -15.10
C2 CIT D . -16.11 11.54 -16.53
C3 CIT D . -16.70 11.81 -17.89
O7 CIT D . -15.50 11.80 -18.71
C4 CIT D . -17.42 13.14 -18.07
C5 CIT D . -16.42 14.28 -17.91
O3 CIT D . -16.10 14.71 -16.79
O4 CIT D . -15.89 14.80 -18.92
C6 CIT D . -17.65 10.66 -18.24
O5 CIT D . -18.75 10.52 -17.67
O6 CIT D . -17.36 9.79 -19.09
#